data_7MZT
#
_entry.id   7MZT
#
_cell.length_a   113.619
_cell.length_b   96.989
_cell.length_c   108.330
_cell.angle_alpha   90.000
_cell.angle_beta   90.000
_cell.angle_gamma   90.000
#
_symmetry.space_group_name_H-M   'P 21 21 2'
#
loop_
_entity.id
_entity.type
_entity.pdbx_description
1 polymer 'Complement C1r subcomponent heavy chain'
2 polymer 'Complement C1r subcomponent light chain'
3 polymer 'Fibronectin-binding protein BBK32'
4 non-polymer 2-acetamido-2-deoxy-beta-D-glucopyranose
#
loop_
_entity_poly.entity_id
_entity_poly.type
_entity_poly.pdbx_seq_one_letter_code
_entity_poly.pdbx_strand_id
1 'polypeptide(L)'
;LRYTTEIIKCPQPKTLDEFTIIQNLQPQYQFRDYFIATCKQGYQLIEGNQVLHSFTAVCQDDGTWHRAMPRCKIKDCGQP
RNLPNGDFRYTTTMGVNTYKARIQYYCHEPYYKMQTRAGSRESEQGVYTCTAQGIWKNEQKGEKIPRCLPVCGKPVNPVE
QRQR
;
A
2 'polypeptide(L)'
;IIGGQKAKMGNFPWQVFTNIHGRGGGALLGDRWILTAAHTLYPKEHEAQSNASLDVFLGHTNVEELMKLGNHPIRRVSVH
PDYRQDESYNFEGDIALLELENSVTLGPNLLPICLPDNDTFYDLGLMGYVSGFGVMEEKIAHDLRFVRLPVANPQACENW
LRGKNRMDVFSQNMFCAGHPSLKQDACQGDSGGVFAVRDPNTDRWVATGIVSWGIGCSRGYGFYTKVLNYVDWIKKEMEE
ED
;
B
3 'polypeptide(L)'
;GSTGSSNRYQSYLEGVKYNVDSAIQTITKIYNTYTLFSTKLTQMYSTRLDNFAKAKAKEEAAKFTKEDLEKNFKTLLNYI
QVSVKTAANFVYINDTHAKRKLENIEAEIKTLIAKIKEQSNLYEAYKAIVTSILLMRDSLKEVQGIID
;
I
#
loop_
_chem_comp.id
_chem_comp.type
_chem_comp.name
_chem_comp.formula
NAG D-saccharide, beta linking 2-acetamido-2-deoxy-beta-D-glucopyranose 'C8 H15 N O6'
#
# COMPACT_ATOMS: atom_id res chain seq x y z
N CYS A 10 61.13 -22.70 -32.61
CA CYS A 10 60.84 -22.45 -31.20
C CYS A 10 60.21 -23.68 -30.56
N PRO A 11 60.54 -23.92 -29.27
CA PRO A 11 59.94 -24.97 -28.45
C PRO A 11 58.42 -24.95 -28.50
N GLN A 12 57.80 -26.12 -28.69
CA GLN A 12 56.33 -26.24 -28.80
C GLN A 12 55.68 -26.01 -27.43
N PRO A 13 54.43 -25.52 -27.37
CA PRO A 13 53.72 -25.28 -26.10
C PRO A 13 52.97 -26.54 -25.65
N LYS A 14 52.21 -26.44 -24.56
CA LYS A 14 51.45 -27.59 -24.02
C LYS A 14 50.07 -27.13 -23.55
N THR A 15 49.12 -28.06 -23.41
CA THR A 15 47.74 -27.74 -22.95
C THR A 15 47.61 -28.09 -21.46
N LEU A 16 47.51 -27.07 -20.60
CA LEU A 16 47.39 -27.28 -19.13
C LEU A 16 46.25 -28.28 -18.86
N ASP A 17 45.02 -27.92 -19.23
CA ASP A 17 43.84 -28.80 -19.01
C ASP A 17 43.36 -29.34 -20.35
N GLU A 18 42.17 -29.95 -20.35
CA GLU A 18 41.54 -30.48 -21.60
C GLU A 18 40.56 -29.41 -22.09
N PHE A 19 40.58 -28.24 -21.45
CA PHE A 19 39.66 -27.14 -21.85
C PHE A 19 40.38 -26.12 -22.73
N THR A 20 41.13 -26.61 -23.75
CA THR A 20 41.85 -25.69 -24.67
C THR A 20 42.21 -26.42 -25.98
N ILE A 21 41.46 -26.15 -27.05
CA ILE A 21 41.70 -26.70 -28.37
C ILE A 21 42.78 -25.85 -29.03
N ILE A 22 43.75 -26.50 -29.67
CA ILE A 22 44.85 -25.81 -30.30
C ILE A 22 44.66 -25.74 -31.80
N GLN A 23 44.63 -24.52 -32.32
CA GLN A 23 44.44 -24.27 -33.77
C GLN A 23 45.79 -24.20 -34.46
N ASN A 24 45.83 -24.45 -35.77
CA ASN A 24 47.09 -24.39 -36.55
C ASN A 24 48.16 -25.23 -35.85
N PRO A 27 53.27 -29.11 -36.38
CA PRO A 27 54.19 -30.01 -35.69
C PRO A 27 55.58 -29.38 -35.52
N GLN A 28 55.94 -28.46 -36.43
CA GLN A 28 57.26 -27.78 -36.38
C GLN A 28 57.03 -26.26 -36.34
N TYR A 29 57.54 -25.58 -35.30
CA TYR A 29 57.37 -24.12 -35.17
C TYR A 29 58.74 -23.44 -35.19
N GLN A 30 59.00 -22.64 -36.23
CA GLN A 30 60.27 -21.93 -36.38
C GLN A 30 60.14 -20.51 -35.84
N PHE A 31 60.86 -19.58 -36.47
CA PHE A 31 60.77 -18.16 -36.11
C PHE A 31 59.53 -17.58 -36.79
N ARG A 32 59.06 -16.38 -36.37
CA ARG A 32 57.94 -15.61 -36.98
C ARG A 32 56.62 -16.36 -36.84
N ASP A 33 56.69 -17.64 -36.52
CA ASP A 33 55.50 -18.47 -36.33
C ASP A 33 54.76 -18.19 -35.03
N TYR A 34 53.56 -18.75 -34.92
CA TYR A 34 52.70 -18.52 -33.78
C TYR A 34 51.75 -19.69 -33.59
N PHE A 35 50.72 -19.47 -32.77
CA PHE A 35 49.60 -20.39 -32.65
C PHE A 35 48.43 -19.69 -31.95
N ILE A 36 47.23 -20.00 -32.40
CA ILE A 36 46.04 -19.34 -31.88
C ILE A 36 45.48 -20.12 -30.70
N ALA A 37 44.75 -19.45 -29.82
CA ALA A 37 44.16 -20.10 -28.68
C ALA A 37 42.74 -19.63 -28.42
N THR A 38 41.81 -20.56 -28.64
CA THR A 38 40.34 -20.43 -28.38
C THR A 38 39.96 -21.54 -27.40
N CYS A 39 38.83 -21.42 -26.68
CA CYS A 39 38.54 -22.48 -25.68
C CYS A 39 37.12 -23.05 -25.78
N LYS A 40 37.04 -24.36 -26.03
CA LYS A 40 35.81 -25.19 -26.12
C LYS A 40 34.63 -24.50 -26.80
N GLN A 41 33.44 -24.67 -26.21
CA GLN A 41 32.16 -24.15 -26.71
C GLN A 41 31.49 -23.14 -25.77
N GLY A 42 31.83 -23.18 -24.49
CA GLY A 42 31.26 -22.25 -23.52
C GLY A 42 32.10 -21.98 -22.30
N TYR A 43 33.41 -21.86 -22.49
CA TYR A 43 34.33 -21.56 -21.39
C TYR A 43 35.04 -20.23 -21.61
N GLN A 44 35.62 -19.71 -20.55
CA GLN A 44 36.33 -18.44 -20.62
C GLN A 44 37.83 -18.73 -20.70
N LEU A 45 38.59 -17.84 -21.34
CA LEU A 45 40.05 -17.94 -21.33
C LEU A 45 40.61 -16.78 -20.54
N ILE A 46 41.58 -17.09 -19.66
CA ILE A 46 42.23 -16.05 -18.81
C ILE A 46 43.72 -16.41 -18.65
N GLU A 47 44.56 -15.37 -18.74
CA GLU A 47 46.05 -15.50 -18.62
C GLU A 47 46.49 -14.77 -17.35
N GLY A 48 46.01 -15.19 -16.18
CA GLY A 48 46.41 -14.55 -14.92
C GLY A 48 45.21 -13.97 -14.18
N ASN A 49 44.75 -12.79 -14.62
CA ASN A 49 43.60 -12.11 -13.99
C ASN A 49 43.09 -11.00 -14.93
N GLN A 50 43.10 -11.26 -16.24
CA GLN A 50 42.65 -10.29 -17.22
C GLN A 50 41.80 -11.02 -18.27
N VAL A 51 40.50 -10.73 -18.29
CA VAL A 51 39.55 -11.48 -19.11
C VAL A 51 39.77 -11.24 -20.60
N LEU A 52 40.11 -12.30 -21.32
CA LEU A 52 40.37 -12.21 -22.76
C LEU A 52 39.45 -13.09 -23.59
N HIS A 53 39.62 -13.04 -24.91
CA HIS A 53 38.78 -13.79 -25.84
C HIS A 53 39.61 -14.40 -26.98
N SER A 54 40.73 -13.76 -27.33
CA SER A 54 41.56 -14.19 -28.45
C SER A 54 43.05 -14.14 -28.11
N PHE A 55 43.62 -15.30 -27.77
CA PHE A 55 45.02 -15.37 -27.36
C PHE A 55 45.96 -15.60 -28.54
N THR A 56 47.04 -14.82 -28.58
CA THR A 56 47.98 -14.85 -29.69
C THR A 56 49.41 -14.92 -29.16
N ALA A 57 49.99 -16.12 -29.10
CA ALA A 57 51.36 -16.23 -28.63
C ALA A 57 52.34 -16.27 -29.78
N VAL A 58 53.22 -15.27 -29.82
CA VAL A 58 54.30 -15.24 -30.80
C VAL A 58 55.54 -15.72 -30.07
N CYS A 59 56.58 -16.15 -30.79
CA CYS A 59 57.82 -16.58 -30.13
C CYS A 59 58.80 -15.42 -30.00
N GLN A 60 60.07 -15.74 -29.78
CA GLN A 60 61.12 -14.74 -29.75
C GLN A 60 62.37 -15.27 -30.46
N ASP A 61 63.50 -14.61 -30.22
CA ASP A 61 64.76 -14.95 -30.85
C ASP A 61 65.42 -16.18 -30.22
N ASP A 62 65.61 -16.12 -28.89
CA ASP A 62 66.35 -17.16 -28.17
C ASP A 62 65.57 -18.47 -28.05
N GLY A 63 64.39 -18.53 -28.68
CA GLY A 63 63.59 -19.73 -28.66
C GLY A 63 62.84 -19.91 -27.36
N THR A 64 62.23 -18.84 -26.87
CA THR A 64 61.41 -18.91 -25.66
C THR A 64 60.11 -18.14 -25.83
N TRP A 65 58.99 -18.77 -25.48
CA TRP A 65 57.71 -18.08 -25.52
C TRP A 65 57.68 -17.01 -24.44
N HIS A 66 57.34 -15.78 -24.85
CA HIS A 66 57.30 -14.64 -23.95
C HIS A 66 56.13 -14.71 -22.95
N ARG A 67 54.90 -14.79 -23.46
CA ARG A 67 53.71 -14.72 -22.59
C ARG A 67 53.37 -16.07 -21.97
N ALA A 68 52.64 -16.03 -20.86
CA ALA A 68 52.24 -17.25 -20.16
C ALA A 68 51.00 -17.88 -20.79
N MET A 69 51.11 -19.16 -21.14
CA MET A 69 49.98 -19.92 -21.68
C MET A 69 48.81 -19.90 -20.69
N PRO A 70 47.73 -19.20 -21.06
CA PRO A 70 46.62 -18.94 -20.12
C PRO A 70 45.80 -20.18 -19.78
N ARG A 71 45.13 -20.14 -18.63
CA ARG A 71 44.20 -21.20 -18.23
C ARG A 71 42.81 -20.91 -18.79
N CYS A 72 41.96 -21.93 -18.84
CA CYS A 72 40.64 -21.77 -19.42
C CYS A 72 39.54 -22.31 -18.53
N LYS A 73 39.05 -21.45 -17.65
CA LYS A 73 38.07 -21.83 -16.65
C LYS A 73 36.65 -21.55 -17.14
N ILE A 74 35.67 -21.99 -16.36
CA ILE A 74 34.29 -22.02 -16.82
C ILE A 74 33.58 -20.69 -16.54
N LYS A 75 32.69 -20.28 -17.43
CA LYS A 75 32.05 -18.97 -17.36
C LYS A 75 30.98 -18.84 -16.27
N ASP A 76 31.30 -18.09 -15.23
CA ASP A 76 30.36 -17.86 -14.13
C ASP A 76 29.27 -16.88 -14.55
N CYS A 77 28.03 -17.35 -14.60
CA CYS A 77 26.93 -16.54 -15.09
C CYS A 77 26.40 -15.54 -14.06
N GLY A 78 27.24 -15.21 -13.07
CA GLY A 78 26.91 -14.19 -12.08
C GLY A 78 25.66 -14.46 -11.26
N GLN A 79 25.23 -13.46 -10.49
CA GLN A 79 24.02 -13.57 -9.69
C GLN A 79 22.78 -13.17 -10.49
N PRO A 80 21.69 -13.95 -10.36
CA PRO A 80 20.40 -13.63 -11.00
C PRO A 80 19.95 -12.20 -10.73
N ARG A 81 19.62 -11.46 -11.78
CA ARG A 81 19.17 -10.06 -11.65
C ARG A 81 17.95 -9.97 -10.75
N ASN A 82 18.10 -9.28 -9.61
CA ASN A 82 17.11 -9.22 -8.54
C ASN A 82 15.67 -9.09 -9.05
N LEU A 83 14.80 -10.00 -8.61
CA LEU A 83 13.43 -10.04 -9.09
C LEU A 83 12.44 -9.40 -8.12
N PRO A 84 11.68 -8.42 -8.62
CA PRO A 84 10.60 -7.77 -7.85
C PRO A 84 9.55 -8.77 -7.36
N ASN A 85 9.46 -8.91 -6.04
CA ASN A 85 8.47 -9.78 -5.39
C ASN A 85 8.52 -11.21 -5.92
N GLY A 86 9.60 -11.91 -5.60
CA GLY A 86 9.81 -13.28 -6.03
C GLY A 86 11.24 -13.74 -5.87
N ASP A 87 11.42 -14.99 -5.44
CA ASP A 87 12.75 -15.55 -5.22
C ASP A 87 13.02 -16.55 -6.35
N PHE A 88 13.82 -17.58 -6.07
CA PHE A 88 14.10 -18.64 -7.03
C PHE A 88 14.80 -19.86 -6.39
N ARG A 89 14.66 -21.01 -7.05
CA ARG A 89 15.27 -22.25 -6.57
C ARG A 89 16.19 -22.84 -7.64
N TYR A 90 17.34 -23.35 -7.20
CA TYR A 90 18.37 -23.83 -8.11
C TYR A 90 18.09 -25.25 -8.62
N THR A 91 17.64 -25.37 -9.86
CA THR A 91 17.23 -26.66 -10.42
C THR A 91 18.46 -27.54 -10.72
N THR A 92 19.64 -27.04 -10.39
CA THR A 92 20.84 -27.88 -10.36
C THR A 92 21.34 -27.93 -8.92
N THR A 93 22.65 -27.74 -8.72
CA THR A 93 23.21 -27.74 -7.38
C THR A 93 23.13 -26.35 -6.75
N MET A 94 22.72 -26.28 -5.48
CA MET A 94 22.54 -25.00 -4.79
C MET A 94 23.82 -24.16 -4.77
N GLY A 95 23.73 -22.98 -5.38
CA GLY A 95 24.83 -22.02 -5.36
C GLY A 95 25.85 -22.16 -6.47
N VAL A 96 25.42 -22.70 -7.60
CA VAL A 96 26.31 -22.85 -8.76
C VAL A 96 25.83 -21.98 -9.92
N ASN A 97 26.76 -21.27 -10.54
CA ASN A 97 26.45 -20.39 -11.65
C ASN A 97 27.37 -20.66 -12.84
N THR A 98 27.90 -21.88 -12.92
CA THR A 98 28.72 -22.29 -14.05
C THR A 98 27.85 -22.73 -15.21
N TYR A 99 28.49 -23.23 -16.27
CA TYR A 99 27.81 -23.63 -17.51
C TYR A 99 26.67 -24.60 -17.23
N LYS A 100 25.61 -24.48 -18.03
CA LYS A 100 24.50 -25.44 -18.05
C LYS A 100 23.77 -25.55 -16.71
N ALA A 101 23.95 -24.57 -15.84
CA ALA A 101 23.14 -24.48 -14.63
C ALA A 101 21.74 -24.05 -15.04
N ARG A 102 20.74 -24.40 -14.25
CA ARG A 102 19.36 -24.09 -14.63
C ARG A 102 18.56 -23.70 -13.38
N ILE A 103 17.91 -22.54 -13.43
CA ILE A 103 17.18 -22.02 -12.28
C ILE A 103 15.77 -21.60 -12.67
N GLN A 104 14.95 -21.29 -11.66
CA GLN A 104 13.57 -20.89 -11.88
C GLN A 104 13.08 -19.87 -10.85
N TYR A 105 12.75 -18.67 -11.33
CA TYR A 105 12.13 -17.65 -10.48
C TYR A 105 10.72 -18.07 -10.14
N TYR A 106 10.24 -17.67 -8.96
CA TYR A 106 8.84 -17.90 -8.64
C TYR A 106 8.27 -16.69 -7.92
N CYS A 107 7.06 -16.28 -8.30
CA CYS A 107 6.42 -15.13 -7.65
C CYS A 107 5.85 -15.54 -6.30
N HIS A 108 5.60 -14.56 -5.43
CA HIS A 108 5.02 -14.84 -4.13
C HIS A 108 3.63 -15.44 -4.28
N GLU A 109 3.49 -16.72 -3.97
CA GLU A 109 2.22 -17.41 -4.10
C GLU A 109 1.67 -17.78 -2.72
N PRO A 110 0.39 -17.43 -2.46
CA PRO A 110 -0.51 -16.76 -3.41
C PRO A 110 -0.84 -15.31 -3.07
N TYR A 111 0.14 -14.41 -3.17
CA TYR A 111 -0.10 -12.98 -3.04
C TYR A 111 0.27 -12.26 -4.35
N TYR A 112 1.03 -12.96 -5.20
CA TYR A 112 1.43 -12.47 -6.50
C TYR A 112 1.32 -13.57 -7.55
N LYS A 113 1.48 -13.22 -8.81
CA LYS A 113 1.49 -14.20 -9.90
C LYS A 113 2.32 -13.76 -11.09
N MET A 114 2.76 -14.72 -11.90
CA MET A 114 3.73 -14.46 -12.97
C MET A 114 3.07 -14.19 -14.32
N GLN A 115 3.65 -13.25 -15.05
CA GLN A 115 3.15 -12.83 -16.37
C GLN A 115 3.49 -13.85 -17.44
N THR A 116 2.53 -14.11 -18.33
CA THR A 116 2.73 -15.06 -19.42
C THR A 116 2.16 -14.58 -20.75
N SER A 123 3.36 -24.80 -19.87
CA SER A 123 4.29 -23.92 -20.63
C SER A 123 5.32 -23.31 -19.69
N GLU A 124 6.33 -24.09 -19.28
CA GLU A 124 7.39 -23.59 -18.38
C GLU A 124 8.27 -22.61 -19.15
N GLN A 125 8.09 -21.31 -18.92
CA GLN A 125 8.91 -20.28 -19.59
C GLN A 125 9.39 -19.29 -18.49
N GLY A 126 9.78 -19.86 -17.35
CA GLY A 126 10.30 -19.09 -16.21
C GLY A 126 11.66 -19.70 -15.95
N VAL A 127 11.94 -20.77 -16.69
CA VAL A 127 13.17 -21.56 -16.61
C VAL A 127 14.32 -20.89 -17.35
N TYR A 128 15.26 -20.33 -16.58
CA TYR A 128 16.45 -19.66 -17.17
C TYR A 128 17.65 -20.60 -16.99
N THR A 129 18.69 -20.41 -17.81
CA THR A 129 19.88 -21.25 -17.77
C THR A 129 21.13 -20.54 -18.27
N CYS A 130 22.26 -20.86 -17.64
CA CYS A 130 23.55 -20.26 -17.97
C CYS A 130 24.03 -20.70 -19.36
N THR A 131 23.86 -19.82 -20.34
CA THR A 131 24.34 -20.08 -21.69
C THR A 131 25.79 -19.67 -21.83
N ALA A 132 26.38 -20.03 -22.97
CA ALA A 132 27.82 -19.92 -23.18
C ALA A 132 28.31 -18.47 -23.32
N GLN A 133 27.36 -17.56 -23.51
CA GLN A 133 27.69 -16.11 -23.67
C GLN A 133 28.23 -15.57 -22.35
N GLY A 134 27.53 -15.83 -21.24
CA GLY A 134 27.94 -15.36 -19.91
C GLY A 134 26.81 -14.65 -19.19
N ILE A 135 25.60 -14.68 -19.77
CA ILE A 135 24.41 -14.02 -19.17
C ILE A 135 23.27 -15.04 -19.09
N TRP A 136 22.36 -14.88 -18.13
CA TRP A 136 21.23 -15.78 -17.97
C TRP A 136 20.25 -15.61 -19.12
N LYS A 137 19.98 -16.68 -19.86
CA LYS A 137 19.04 -16.62 -20.97
C LYS A 137 17.91 -17.62 -20.79
N ASN A 138 16.68 -17.15 -20.96
CA ASN A 138 15.51 -18.03 -20.99
C ASN A 138 15.41 -18.68 -22.36
N GLU A 139 14.64 -19.77 -22.43
CA GLU A 139 14.49 -20.50 -23.68
C GLU A 139 13.63 -19.70 -24.66
N GLN A 140 12.89 -18.72 -24.14
CA GLN A 140 12.06 -17.86 -24.98
C GLN A 140 12.27 -16.37 -24.70
N LYS A 141 12.12 -15.99 -23.43
CA LYS A 141 12.13 -14.59 -23.03
C LYS A 141 13.53 -13.96 -22.99
N GLY A 142 14.54 -14.72 -23.42
CA GLY A 142 15.90 -14.22 -23.48
C GLY A 142 16.52 -13.94 -22.13
N GLU A 143 17.30 -12.88 -22.04
CA GLU A 143 17.86 -12.46 -20.76
C GLU A 143 16.75 -11.92 -19.85
N LYS A 144 15.80 -11.22 -20.48
CA LYS A 144 14.66 -10.59 -19.76
C LYS A 144 13.90 -11.51 -18.81
N ILE A 145 14.02 -11.26 -17.50
CA ILE A 145 13.41 -12.09 -16.46
C ILE A 145 11.88 -11.97 -16.52
N PRO A 146 11.16 -12.91 -15.88
CA PRO A 146 9.70 -12.78 -15.81
C PRO A 146 9.23 -11.59 -14.97
N ARG A 147 7.91 -11.47 -14.82
CA ARG A 147 7.32 -10.34 -14.12
C ARG A 147 6.20 -10.80 -13.19
N CYS A 148 6.24 -10.34 -11.94
CA CYS A 148 5.22 -10.70 -10.93
C CYS A 148 4.20 -9.56 -10.78
N LEU A 149 2.92 -9.85 -11.01
CA LEU A 149 1.84 -8.84 -10.88
C LEU A 149 1.01 -9.15 -9.63
N PRO A 150 0.22 -8.18 -9.10
CA PRO A 150 -0.59 -8.41 -7.91
C PRO A 150 -1.87 -9.20 -8.22
N VAL A 151 -2.10 -10.31 -7.50
CA VAL A 151 -3.31 -11.13 -7.75
C VAL A 151 -4.53 -10.43 -7.13
N CYS A 152 -5.55 -10.08 -7.92
CA CYS A 152 -6.75 -9.40 -7.34
C CYS A 152 -7.65 -10.39 -6.60
N GLY A 153 -8.58 -9.87 -5.79
CA GLY A 153 -9.60 -10.63 -5.03
C GLY A 153 -9.08 -11.79 -4.19
N LYS A 154 -9.92 -12.80 -4.00
CA LYS A 154 -9.59 -14.04 -3.24
C LYS A 154 -8.86 -13.72 -1.93
N PRO A 155 -9.52 -13.13 -0.90
CA PRO A 155 -8.87 -12.82 0.39
C PRO A 155 -8.48 -14.11 1.13
N VAL A 156 -7.42 -14.05 1.95
CA VAL A 156 -6.97 -15.30 2.67
C VAL A 156 -8.12 -15.81 3.52
N ASN A 157 -9.18 -15.01 3.68
CA ASN A 157 -10.36 -15.40 4.50
C ASN A 157 -11.54 -14.47 4.18
N PRO A 158 -12.13 -14.54 2.96
CA PRO A 158 -13.25 -13.69 2.60
C PRO A 158 -14.55 -13.91 3.38
N VAL A 159 -15.05 -15.15 3.38
CA VAL A 159 -16.26 -15.52 4.18
C VAL A 159 -16.42 -17.05 4.16
N ILE B 1 -20.78 2.66 9.33
CA ILE B 1 -21.57 1.45 9.12
C ILE B 1 -22.51 1.24 10.29
N ILE B 2 -23.79 1.01 9.98
CA ILE B 2 -24.79 0.77 11.01
C ILE B 2 -25.32 -0.66 10.93
N GLY B 3 -25.43 -1.32 12.08
CA GLY B 3 -25.88 -2.69 12.15
C GLY B 3 -24.84 -3.66 11.64
N GLY B 4 -23.59 -3.23 11.65
CA GLY B 4 -22.49 -4.03 11.13
C GLY B 4 -21.66 -4.73 12.19
N GLN B 5 -21.36 -6.00 11.96
CA GLN B 5 -20.50 -6.77 12.84
C GLN B 5 -19.03 -6.41 12.61
N LYS B 6 -18.20 -6.64 13.63
CA LYS B 6 -16.76 -6.39 13.53
C LYS B 6 -16.14 -7.20 12.39
N ALA B 7 -15.08 -6.67 11.80
CA ALA B 7 -14.42 -7.34 10.69
C ALA B 7 -13.14 -8.01 11.14
N LYS B 8 -13.10 -9.33 11.05
CA LYS B 8 -11.87 -10.08 11.35
C LYS B 8 -10.84 -9.81 10.24
N MET B 9 -9.58 -10.17 10.50
CA MET B 9 -8.50 -9.87 9.57
C MET B 9 -8.43 -10.85 8.41
N GLY B 10 -8.17 -10.33 7.21
CA GLY B 10 -8.11 -11.16 5.99
C GLY B 10 -9.43 -11.09 5.24
N ASN B 11 -10.53 -10.83 5.96
CA ASN B 11 -11.85 -10.71 5.34
C ASN B 11 -11.86 -9.62 4.28
N PHE B 12 -11.45 -8.42 4.69
CA PHE B 12 -11.44 -7.27 3.78
C PHE B 12 -10.04 -6.68 3.69
N PRO B 13 -9.21 -7.24 2.80
CA PRO B 13 -7.82 -6.78 2.66
C PRO B 13 -7.71 -5.45 1.90
N TRP B 14 -8.46 -5.34 0.81
CA TRP B 14 -8.37 -4.20 -0.10
C TRP B 14 -8.78 -2.86 0.51
N GLN B 15 -9.52 -2.92 1.62
CA GLN B 15 -10.19 -1.74 2.18
C GLN B 15 -9.17 -0.63 2.52
N VAL B 16 -9.50 0.61 2.18
CA VAL B 16 -8.59 1.74 2.36
C VAL B 16 -9.17 2.74 3.36
N PHE B 17 -8.50 3.88 3.53
CA PHE B 17 -8.91 4.98 4.39
C PHE B 17 -8.55 6.30 3.72
N THR B 18 -9.45 7.28 3.78
CA THR B 18 -9.19 8.57 3.17
C THR B 18 -9.52 9.75 4.09
N ASN B 19 -8.52 10.23 4.82
CA ASN B 19 -8.70 11.42 5.64
C ASN B 19 -8.44 12.64 4.77
N ILE B 20 -8.95 12.64 3.54
CA ILE B 20 -8.70 13.76 2.58
C ILE B 20 -9.36 15.13 2.83
N HIS B 21 -10.69 15.19 2.75
CA HIS B 21 -11.49 16.31 3.23
C HIS B 21 -12.10 15.87 4.53
N GLY B 22 -12.75 14.70 4.48
CA GLY B 22 -13.36 14.09 5.66
C GLY B 22 -13.09 12.60 5.62
N ARG B 23 -13.43 11.89 6.71
CA ARG B 23 -13.17 10.45 6.77
C ARG B 23 -13.97 9.68 5.72
N GLY B 24 -13.33 8.68 5.11
CA GLY B 24 -13.97 7.84 4.10
C GLY B 24 -13.14 6.62 3.71
N GLY B 25 -13.70 5.76 2.86
CA GLY B 25 -13.01 4.54 2.48
C GLY B 25 -12.66 4.40 1.01
N GLY B 26 -12.07 3.26 0.65
CA GLY B 26 -11.72 2.96 -0.72
C GLY B 26 -11.57 1.47 -1.03
N ALA B 27 -10.82 1.15 -2.07
CA ALA B 27 -10.51 -0.24 -2.42
C ALA B 27 -9.21 -0.34 -3.18
N LEU B 28 -8.62 -1.54 -3.19
CA LEU B 28 -7.31 -1.74 -3.82
C LEU B 28 -7.37 -2.62 -5.05
N LEU B 29 -6.71 -2.19 -6.11
CA LEU B 29 -6.64 -2.96 -7.35
C LEU B 29 -5.21 -2.94 -7.87
N GLY B 30 -4.73 -4.07 -8.37
CA GLY B 30 -3.33 -4.19 -8.72
C GLY B 30 -2.49 -4.08 -7.47
N ASP B 31 -1.73 -3.00 -7.34
CA ASP B 31 -0.94 -2.76 -6.13
C ASP B 31 -0.71 -1.28 -5.85
N ARG B 32 -0.68 -0.46 -6.90
CA ARG B 32 -0.42 0.97 -6.75
C ARG B 32 -1.63 1.80 -7.12
N TRP B 33 -2.80 1.17 -7.14
CA TRP B 33 -4.01 1.82 -7.61
C TRP B 33 -5.17 1.74 -6.61
N ILE B 34 -5.58 2.90 -6.10
CA ILE B 34 -6.66 2.99 -5.13
C ILE B 34 -7.95 3.42 -5.82
N LEU B 35 -9.04 2.76 -5.46
CA LEU B 35 -10.35 3.12 -5.96
C LEU B 35 -11.12 3.79 -4.83
N THR B 36 -11.74 4.93 -5.13
CA THR B 36 -12.58 5.59 -4.16
C THR B 36 -13.58 6.51 -4.86
N ALA B 37 -14.59 6.93 -4.11
CA ALA B 37 -15.61 7.82 -4.65
C ALA B 37 -15.00 9.17 -4.99
N ALA B 38 -15.46 9.77 -6.08
CA ALA B 38 -14.90 11.04 -6.53
C ALA B 38 -15.15 12.14 -5.51
N HIS B 39 -16.27 12.05 -4.80
CA HIS B 39 -16.67 13.10 -3.86
C HIS B 39 -15.87 13.04 -2.56
N THR B 40 -14.99 12.06 -2.43
CA THR B 40 -14.10 12.00 -1.27
C THR B 40 -13.03 13.05 -1.46
N LEU B 41 -12.65 13.25 -2.72
CA LEU B 41 -11.68 14.26 -3.10
C LEU B 41 -12.38 15.60 -3.32
N TYR B 42 -13.60 15.54 -3.85
CA TYR B 42 -14.36 16.75 -4.17
C TYR B 42 -15.78 16.72 -3.64
N PRO B 43 -15.97 17.13 -2.38
CA PRO B 43 -17.31 17.26 -1.81
C PRO B 43 -18.10 18.40 -2.44
N LYS B 44 -19.43 18.31 -2.38
CA LYS B 44 -20.30 19.32 -2.99
C LYS B 44 -20.29 20.65 -2.24
N GLU B 45 -19.94 20.60 -0.95
CA GLU B 45 -19.88 21.82 -0.10
C GLU B 45 -18.48 22.43 -0.17
N SER B 50 -8.84 27.46 2.09
CA SER B 50 -8.76 26.11 2.64
C SER B 50 -8.47 25.08 1.55
N ASN B 51 -7.23 24.58 1.53
CA ASN B 51 -6.84 23.54 0.58
C ASN B 51 -6.65 22.20 1.29
N ALA B 52 -7.02 21.12 0.62
CA ALA B 52 -7.06 19.79 1.23
C ALA B 52 -5.73 19.04 1.10
N SER B 53 -5.70 17.85 1.68
CA SER B 53 -4.51 17.00 1.65
C SER B 53 -4.89 15.55 1.47
N LEU B 54 -4.18 14.84 0.59
CA LEU B 54 -4.55 13.47 0.23
C LEU B 54 -3.79 12.44 1.06
N ASP B 55 -4.50 11.78 1.97
CA ASP B 55 -3.87 10.86 2.91
C ASP B 55 -4.52 9.49 2.88
N VAL B 56 -3.76 8.51 2.43
CA VAL B 56 -4.28 7.16 2.23
C VAL B 56 -3.65 6.21 3.26
N PHE B 57 -4.50 5.47 3.97
CA PHE B 57 -4.04 4.53 4.98
C PHE B 57 -4.47 3.13 4.58
N LEU B 58 -3.61 2.15 4.85
CA LEU B 58 -3.78 0.80 4.28
C LEU B 58 -3.11 -0.29 5.10
N GLY B 59 -3.72 -1.46 5.14
CA GLY B 59 -3.07 -2.63 5.73
C GLY B 59 -3.76 -3.27 6.91
N HIS B 60 -4.11 -2.47 7.91
CA HIS B 60 -4.72 -2.98 9.12
C HIS B 60 -6.23 -2.78 9.10
N THR B 61 -6.93 -3.26 10.12
CA THR B 61 -8.39 -3.11 10.18
C THR B 61 -8.81 -2.33 11.44
N ASN B 62 -7.92 -2.26 12.41
CA ASN B 62 -8.14 -1.39 13.57
C ASN B 62 -7.50 -0.04 13.27
N VAL B 63 -8.26 1.02 13.49
CA VAL B 63 -7.88 2.38 13.09
C VAL B 63 -6.53 2.83 13.66
N GLU B 64 -6.25 2.45 14.90
CA GLU B 64 -5.03 2.88 15.58
C GLU B 64 -3.78 2.45 14.79
N GLU B 65 -3.62 1.15 14.60
CA GLU B 65 -2.45 0.63 13.88
C GLU B 65 -2.42 1.13 12.44
N LEU B 66 -3.59 1.38 11.88
CA LEU B 66 -3.69 1.95 10.53
C LEU B 66 -3.08 3.34 10.48
N MET B 67 -3.10 4.03 11.62
CA MET B 67 -2.51 5.36 11.72
C MET B 67 -1.06 5.27 12.18
N LYS B 68 -0.69 4.11 12.71
CA LYS B 68 0.70 3.87 13.10
C LYS B 68 1.44 3.17 11.95
N LEU B 69 0.76 3.00 10.82
CA LEU B 69 1.35 2.35 9.65
C LEU B 69 1.51 3.30 8.47
N GLY B 70 1.53 4.60 8.76
CA GLY B 70 1.88 5.60 7.77
C GLY B 70 0.90 5.86 6.64
N ASN B 71 0.83 7.13 6.24
CA ASN B 71 -0.02 7.58 5.16
C ASN B 71 0.75 7.60 3.84
N HIS B 72 0.47 6.62 2.98
CA HIS B 72 1.10 6.55 1.67
C HIS B 72 0.76 7.82 0.87
N PRO B 73 1.76 8.39 0.18
CA PRO B 73 1.63 9.61 -0.61
C PRO B 73 0.71 9.48 -1.82
N ILE B 74 0.76 10.46 -2.72
CA ILE B 74 -0.11 10.42 -3.89
C ILE B 74 0.67 10.78 -5.17
N ARG B 75 0.57 9.93 -6.18
CA ARG B 75 1.27 10.15 -7.44
C ARG B 75 0.34 10.73 -8.50
N ARG B 76 -0.73 10.01 -8.79
CA ARG B 76 -1.70 10.45 -9.79
C ARG B 76 -3.13 10.41 -9.27
N VAL B 77 -3.88 11.47 -9.55
CA VAL B 77 -5.30 11.55 -9.20
C VAL B 77 -6.12 11.79 -10.46
N SER B 78 -7.07 10.90 -10.73
CA SER B 78 -7.92 11.06 -11.90
C SER B 78 -9.38 10.82 -11.56
N VAL B 79 -10.17 11.88 -11.58
CA VAL B 79 -11.61 11.78 -11.40
C VAL B 79 -12.27 11.69 -12.76
N HIS B 80 -13.38 10.96 -12.83
CA HIS B 80 -14.07 10.79 -14.10
C HIS B 80 -14.64 12.12 -14.58
N PRO B 81 -14.45 12.43 -15.87
CA PRO B 81 -14.94 13.69 -16.46
C PRO B 81 -16.44 13.91 -16.32
N ASP B 82 -17.20 12.85 -16.09
CA ASP B 82 -18.66 12.96 -15.93
C ASP B 82 -19.09 13.39 -14.53
N TYR B 83 -18.15 13.97 -13.77
CA TYR B 83 -18.44 14.42 -12.42
C TYR B 83 -18.62 15.93 -12.38
N ARG B 84 -19.66 16.38 -11.71
CA ARG B 84 -19.87 17.79 -11.50
C ARG B 84 -20.18 18.05 -10.02
N GLN B 85 -19.30 18.74 -9.33
CA GLN B 85 -19.54 19.05 -7.93
C GLN B 85 -20.41 20.29 -7.79
N ASP B 86 -20.58 21.00 -8.91
CA ASP B 86 -21.44 22.17 -8.95
C ASP B 86 -22.88 21.74 -8.74
N GLU B 87 -23.29 20.70 -9.46
CA GLU B 87 -24.61 20.14 -9.28
C GLU B 87 -24.74 19.56 -7.88
N SER B 88 -25.57 20.21 -7.07
CA SER B 88 -25.72 19.86 -5.67
C SER B 88 -26.40 18.52 -5.47
N TYR B 89 -27.11 18.05 -6.49
CA TYR B 89 -27.91 16.85 -6.35
C TYR B 89 -27.65 15.87 -7.50
N ASN B 90 -26.39 15.82 -7.93
CA ASN B 90 -25.99 14.89 -8.99
C ASN B 90 -24.74 14.15 -8.57
N PHE B 91 -24.70 12.85 -8.90
CA PHE B 91 -23.57 12.03 -8.52
C PHE B 91 -23.19 11.04 -9.64
N GLU B 92 -23.63 11.33 -10.86
CA GLU B 92 -23.22 10.54 -12.01
C GLU B 92 -21.70 10.55 -12.10
N GLY B 93 -21.11 9.37 -12.13
CA GLY B 93 -19.67 9.26 -12.17
C GLY B 93 -19.02 9.78 -10.91
N ASP B 94 -19.44 9.27 -9.76
CA ASP B 94 -18.77 9.57 -8.50
C ASP B 94 -17.66 8.55 -8.31
N ILE B 95 -16.90 8.30 -9.37
CA ILE B 95 -15.84 7.31 -9.34
C ILE B 95 -14.49 7.97 -9.59
N ALA B 96 -13.44 7.44 -8.99
CA ALA B 96 -12.10 8.01 -9.12
C ALA B 96 -11.00 6.98 -8.89
N LEU B 97 -9.86 7.19 -9.55
CA LEU B 97 -8.69 6.34 -9.38
C LEU B 97 -7.51 7.11 -8.78
N LEU B 98 -6.84 6.48 -7.82
CA LEU B 98 -5.72 7.10 -7.14
C LEU B 98 -4.47 6.24 -7.29
N GLU B 99 -3.44 6.78 -7.94
CA GLU B 99 -2.17 6.09 -8.05
C GLU B 99 -1.29 6.38 -6.84
N LEU B 100 -0.85 5.33 -6.17
CA LEU B 100 0.07 5.47 -5.05
C LEU B 100 1.44 5.90 -5.54
N GLU B 101 2.12 6.71 -4.75
CA GLU B 101 3.49 7.10 -5.05
C GLU B 101 4.37 5.87 -5.20
N ASN B 102 4.34 5.01 -4.20
CA ASN B 102 5.17 3.81 -4.21
C ASN B 102 4.32 2.59 -3.86
N SER B 103 4.46 1.55 -4.67
CA SER B 103 3.64 0.35 -4.59
C SER B 103 3.77 -0.35 -3.24
N VAL B 104 2.72 -1.07 -2.84
CA VAL B 104 2.72 -1.80 -1.58
C VAL B 104 2.90 -3.28 -1.86
N THR B 105 3.69 -3.93 -1.01
CA THR B 105 3.93 -5.36 -1.16
C THR B 105 2.71 -6.14 -0.65
N LEU B 106 2.30 -7.13 -1.43
CA LEU B 106 1.06 -7.86 -1.14
C LEU B 106 1.25 -8.99 -0.14
N GLY B 107 0.47 -8.93 0.94
CA GLY B 107 0.40 -10.01 1.91
C GLY B 107 -1.06 -10.30 2.20
N PRO B 108 -1.34 -11.35 3.00
CA PRO B 108 -2.72 -11.79 3.24
C PRO B 108 -3.58 -10.78 4.00
N ASN B 109 -3.04 -9.59 4.25
CA ASN B 109 -3.81 -8.50 4.83
C ASN B 109 -3.74 -7.26 3.93
N LEU B 110 -3.06 -7.39 2.80
CA LEU B 110 -2.99 -6.33 1.80
C LEU B 110 -3.18 -6.84 0.37
N LEU B 111 -4.25 -7.60 0.16
CA LEU B 111 -4.60 -8.09 -1.17
C LEU B 111 -5.47 -7.08 -1.91
N PRO B 112 -5.46 -7.15 -3.24
CA PRO B 112 -6.34 -6.30 -4.05
C PRO B 112 -7.62 -7.02 -4.49
N ILE B 113 -8.64 -6.23 -4.81
CA ILE B 113 -9.92 -6.74 -5.26
C ILE B 113 -9.97 -6.83 -6.79
N CYS B 114 -10.88 -7.67 -7.28
CA CYS B 114 -11.09 -7.86 -8.74
C CYS B 114 -12.21 -6.92 -9.20
N LEU B 115 -12.54 -6.98 -10.49
CA LEU B 115 -13.56 -6.18 -11.11
C LEU B 115 -14.62 -7.11 -11.68
N PRO B 116 -15.87 -6.63 -11.79
CA PRO B 116 -16.92 -7.41 -12.47
C PRO B 116 -16.77 -7.40 -14.00
N ASP B 117 -17.33 -8.43 -14.63
CA ASP B 117 -17.25 -8.59 -16.11
C ASP B 117 -18.68 -8.71 -16.67
N ASN B 118 -19.50 -9.59 -16.10
CA ASN B 118 -20.89 -9.72 -16.57
C ASN B 118 -21.76 -8.67 -15.89
N ASP B 119 -22.87 -8.31 -16.51
CA ASP B 119 -23.86 -7.41 -15.86
C ASP B 119 -24.56 -8.21 -14.75
N THR B 120 -24.64 -9.52 -14.96
CA THR B 120 -25.29 -10.51 -14.05
C THR B 120 -25.02 -10.17 -12.59
N PHE B 121 -23.77 -9.83 -12.24
CA PHE B 121 -23.44 -9.50 -10.85
C PHE B 121 -24.37 -8.40 -10.35
N TYR B 122 -25.12 -7.82 -11.30
CA TYR B 122 -26.10 -6.74 -10.99
C TYR B 122 -27.51 -7.25 -11.28
N ASP B 123 -27.88 -8.39 -10.69
CA ASP B 123 -29.22 -9.00 -10.89
C ASP B 123 -30.18 -8.48 -9.82
N LEU B 124 -30.87 -9.40 -9.12
CA LEU B 124 -31.84 -9.02 -8.06
C LEU B 124 -32.04 -10.21 -7.11
N GLY B 125 -31.22 -10.27 -6.06
CA GLY B 125 -31.33 -11.37 -5.07
C GLY B 125 -29.97 -11.90 -4.64
N LEU B 126 -28.92 -11.11 -4.85
CA LEU B 126 -27.54 -11.54 -4.47
C LEU B 126 -27.04 -10.69 -3.31
N MET B 127 -26.23 -11.29 -2.42
CA MET B 127 -25.66 -10.64 -1.25
C MET B 127 -24.24 -10.16 -1.48
N GLY B 128 -24.06 -8.85 -1.42
CA GLY B 128 -22.74 -8.23 -1.50
C GLY B 128 -22.35 -7.63 -0.16
N TYR B 129 -21.19 -7.03 -0.09
CA TYR B 129 -20.70 -6.52 1.19
C TYR B 129 -20.14 -5.10 1.04
N VAL B 130 -20.33 -4.27 2.06
CA VAL B 130 -19.76 -2.92 2.06
C VAL B 130 -19.03 -2.65 3.37
N SER B 131 -17.80 -2.16 3.26
CA SER B 131 -16.98 -1.93 4.45
C SER B 131 -16.53 -0.48 4.58
N GLY B 132 -16.56 0.01 5.81
CA GLY B 132 -16.14 1.37 6.10
C GLY B 132 -15.75 1.58 7.55
N PHE B 133 -14.87 2.55 7.77
CA PHE B 133 -14.37 2.86 9.10
C PHE B 133 -15.22 3.96 9.74
N GLY B 134 -16.42 4.16 9.20
CA GLY B 134 -17.25 5.29 9.55
C GLY B 134 -18.22 5.13 10.70
N VAL B 135 -19.11 6.11 10.83
CA VAL B 135 -20.03 6.22 11.96
C VAL B 135 -20.88 4.96 12.15
N MET B 136 -20.94 4.50 13.39
CA MET B 136 -21.82 3.38 13.72
C MET B 136 -23.17 3.91 14.15
N GLU B 137 -24.02 3.02 14.68
CA GLU B 137 -25.42 3.34 14.92
C GLU B 137 -25.62 4.54 15.86
N GLU B 138 -24.75 4.69 16.86
CA GLU B 138 -24.96 5.81 17.82
C GLU B 138 -23.60 6.38 18.24
N LYS B 139 -22.54 6.02 17.50
CA LYS B 139 -21.18 6.52 17.84
C LYS B 139 -20.25 6.31 16.65
N ILE B 140 -18.98 6.70 16.84
CA ILE B 140 -17.88 6.60 15.86
C ILE B 140 -17.26 5.22 16.03
N ALA B 141 -16.27 4.93 15.21
CA ALA B 141 -15.65 3.61 15.15
C ALA B 141 -14.14 3.64 15.31
N HIS B 142 -13.58 2.47 15.66
CA HIS B 142 -12.15 2.28 15.74
C HIS B 142 -11.76 1.01 14.99
N ASP B 143 -12.77 0.34 14.43
CA ASP B 143 -12.53 -0.92 13.72
C ASP B 143 -13.22 -0.94 12.35
N LEU B 144 -12.92 -1.98 11.58
CA LEU B 144 -13.57 -2.19 10.28
C LEU B 144 -14.90 -2.88 10.49
N ARG B 145 -15.89 -2.53 9.66
CA ARG B 145 -17.24 -3.06 9.82
C ARG B 145 -17.81 -3.56 8.50
N PHE B 146 -18.38 -4.77 8.51
CA PHE B 146 -18.90 -5.37 7.30
C PHE B 146 -20.39 -5.70 7.39
N VAL B 147 -21.11 -5.47 6.29
CA VAL B 147 -22.55 -5.73 6.20
C VAL B 147 -22.92 -6.54 4.96
N ARG B 148 -24.13 -7.09 4.96
CA ARG B 148 -24.56 -8.06 3.96
C ARG B 148 -25.79 -7.59 3.19
N LEU B 149 -25.60 -6.58 2.33
CA LEU B 149 -26.70 -5.95 1.61
C LEU B 149 -27.06 -6.64 0.30
N PRO B 150 -28.35 -6.95 0.12
CA PRO B 150 -28.92 -7.44 -1.15
C PRO B 150 -29.23 -6.30 -2.11
N VAL B 151 -28.91 -6.50 -3.38
CA VAL B 151 -29.18 -5.52 -4.42
C VAL B 151 -30.68 -5.49 -4.72
N ALA B 152 -31.23 -4.29 -4.89
CA ALA B 152 -32.68 -4.12 -5.01
C ALA B 152 -33.18 -3.88 -6.44
N ASN B 153 -34.48 -4.06 -6.63
CA ASN B 153 -35.16 -3.77 -7.88
C ASN B 153 -35.26 -2.26 -8.11
N PRO B 154 -34.49 -1.75 -9.09
CA PRO B 154 -34.29 -0.30 -9.28
C PRO B 154 -35.56 0.48 -9.61
N GLN B 155 -36.54 -0.17 -10.23
CA GLN B 155 -37.81 0.48 -10.53
C GLN B 155 -38.44 1.00 -9.25
N ALA B 156 -38.29 0.23 -8.18
CA ALA B 156 -38.81 0.64 -6.88
C ALA B 156 -37.93 1.72 -6.26
N CYS B 157 -36.70 1.84 -6.75
CA CYS B 157 -35.78 2.81 -6.18
C CYS B 157 -36.08 4.22 -6.69
N GLU B 158 -36.72 4.31 -7.85
CA GLU B 158 -37.26 5.59 -8.31
C GLU B 158 -38.62 5.82 -7.68
N ASN B 159 -39.28 4.72 -7.34
CA ASN B 159 -40.53 4.77 -6.60
C ASN B 159 -40.27 5.31 -5.19
N TRP B 160 -39.19 4.82 -4.57
CA TRP B 160 -38.81 5.24 -3.24
C TRP B 160 -38.40 6.72 -3.23
N LEU B 161 -37.74 7.14 -4.31
CA LEU B 161 -37.28 8.52 -4.43
C LEU B 161 -38.44 9.48 -4.57
N ARG B 162 -39.34 9.18 -5.49
CA ARG B 162 -40.52 10.00 -5.71
C ARG B 162 -41.48 9.90 -4.53
N GLY B 163 -41.35 8.84 -3.73
CA GLY B 163 -42.13 8.68 -2.52
C GLY B 163 -41.62 9.58 -1.41
N LYS B 164 -40.34 9.91 -1.49
CA LYS B 164 -39.72 10.85 -0.57
C LYS B 164 -39.79 12.26 -1.15
N ASN B 165 -40.28 12.34 -2.39
CA ASN B 165 -40.25 13.57 -3.17
C ASN B 165 -38.84 14.12 -3.32
N ARG B 166 -38.14 13.65 -4.35
CA ARG B 166 -36.73 14.01 -4.53
C ARG B 166 -36.38 14.23 -5.99
N MET B 167 -35.97 15.45 -6.32
CA MET B 167 -35.57 15.78 -7.68
C MET B 167 -34.09 15.48 -7.89
N ASP B 168 -33.63 14.35 -7.33
CA ASP B 168 -32.29 13.86 -7.57
C ASP B 168 -32.20 13.06 -8.86
N VAL B 169 -31.02 12.52 -9.13
CA VAL B 169 -30.78 11.74 -10.33
C VAL B 169 -30.36 10.32 -9.99
N PHE B 170 -31.04 9.36 -10.62
CA PHE B 170 -30.76 7.91 -10.45
C PHE B 170 -30.36 7.33 -11.81
N SER B 171 -29.20 7.76 -12.32
CA SER B 171 -28.66 7.30 -13.62
C SER B 171 -28.42 5.79 -13.57
N GLN B 172 -28.71 5.10 -14.67
CA GLN B 172 -28.54 3.62 -14.75
C GLN B 172 -27.08 3.17 -14.56
N ASN B 173 -26.15 4.12 -14.63
CA ASN B 173 -24.73 3.88 -14.26
C ASN B 173 -24.72 3.52 -12.78
N MET B 174 -25.92 3.55 -12.18
CA MET B 174 -26.07 3.20 -10.77
C MET B 174 -26.99 2.01 -10.57
N PHE B 175 -26.70 1.20 -9.56
CA PHE B 175 -27.69 0.29 -9.04
C PHE B 175 -27.97 0.72 -7.61
N CYS B 176 -28.99 0.14 -7.00
CA CYS B 176 -29.31 0.47 -5.61
C CYS B 176 -29.39 -0.80 -4.77
N ALA B 177 -28.77 -0.72 -3.59
CA ALA B 177 -28.70 -1.86 -2.70
C ALA B 177 -29.42 -1.56 -1.39
N GLY B 178 -30.08 -2.57 -0.82
CA GLY B 178 -30.78 -2.40 0.43
C GLY B 178 -32.28 -2.62 0.35
N HIS B 179 -33.00 -2.08 1.33
CA HIS B 179 -34.44 -2.24 1.45
C HIS B 179 -34.81 -1.43 2.70
N PRO B 180 -35.97 -0.74 2.69
CA PRO B 180 -36.32 0.05 3.87
C PRO B 180 -36.54 -0.77 5.14
N SER B 181 -36.73 -2.07 5.00
CA SER B 181 -36.86 -2.95 6.15
C SER B 181 -35.49 -3.24 6.75
N LEU B 182 -34.46 -3.23 5.90
CA LEU B 182 -33.09 -3.56 6.30
C LEU B 182 -32.59 -2.65 7.41
N LYS B 183 -32.37 -3.23 8.58
CA LYS B 183 -31.80 -2.50 9.69
C LYS B 183 -30.35 -2.12 9.36
N GLN B 184 -29.70 -2.97 8.56
CA GLN B 184 -28.29 -2.74 8.15
C GLN B 184 -28.25 -1.97 6.83
N ASP B 185 -27.41 -0.93 6.76
CA ASP B 185 -27.28 -0.09 5.54
C ASP B 185 -25.99 0.74 5.62
N ALA B 186 -25.53 1.25 4.48
CA ALA B 186 -24.30 2.08 4.43
C ALA B 186 -24.56 3.42 5.13
N CYS B 187 -23.51 4.00 5.74
CA CYS B 187 -23.64 5.30 6.46
C CYS B 187 -22.49 6.23 6.05
N GLN B 188 -22.48 7.45 6.60
CA GLN B 188 -21.46 8.46 6.32
C GLN B 188 -20.12 8.10 6.95
N GLY B 189 -19.08 8.05 6.13
CA GLY B 189 -17.76 7.63 6.56
C GLY B 189 -17.34 6.38 5.82
N ASP B 190 -18.30 5.86 5.06
CA ASP B 190 -18.08 4.67 4.25
C ASP B 190 -18.39 5.02 2.80
N SER B 191 -18.23 6.30 2.48
CA SER B 191 -18.64 6.86 1.20
C SER B 191 -17.56 6.76 0.13
N GLY B 192 -16.95 5.59 0.01
CA GLY B 192 -15.93 5.35 -0.99
C GLY B 192 -15.60 3.88 -1.11
N GLY B 193 -16.24 3.07 -0.27
CA GLY B 193 -16.02 1.64 -0.25
C GLY B 193 -16.48 0.94 -1.52
N VAL B 194 -16.66 -0.38 -1.42
CA VAL B 194 -17.03 -1.19 -2.59
C VAL B 194 -18.04 -2.28 -2.26
N PHE B 195 -19.09 -2.38 -3.07
CA PHE B 195 -20.01 -3.50 -3.00
C PHE B 195 -19.27 -4.76 -3.44
N ALA B 196 -18.65 -5.45 -2.49
CA ALA B 196 -17.86 -6.64 -2.78
C ALA B 196 -18.76 -7.87 -2.97
N VAL B 197 -18.65 -8.50 -4.15
CA VAL B 197 -19.46 -9.71 -4.47
C VAL B 197 -18.51 -10.89 -4.75
N ARG B 198 -18.98 -12.11 -4.50
CA ARG B 198 -18.16 -13.34 -4.74
C ARG B 198 -18.79 -14.16 -5.87
N ASP B 199 -17.97 -14.64 -6.80
CA ASP B 199 -18.47 -15.45 -7.94
C ASP B 199 -19.33 -16.60 -7.41
N ASP B 203 -15.17 -18.28 -6.36
CA ASP B 203 -14.70 -17.61 -5.15
C ASP B 203 -14.00 -16.27 -5.42
N ARG B 204 -14.16 -15.72 -6.63
CA ARG B 204 -13.50 -14.48 -6.99
C ARG B 204 -14.26 -13.26 -6.53
N TRP B 205 -13.63 -12.46 -5.66
CA TRP B 205 -14.22 -11.23 -5.13
C TRP B 205 -13.99 -10.06 -6.07
N VAL B 206 -15.07 -9.41 -6.47
CA VAL B 206 -15.00 -8.28 -7.37
C VAL B 206 -15.70 -7.06 -6.75
N ALA B 207 -15.46 -5.90 -7.34
CA ALA B 207 -15.97 -4.64 -6.81
C ALA B 207 -17.09 -4.08 -7.69
N THR B 208 -18.26 -4.72 -7.65
CA THR B 208 -19.37 -4.37 -8.55
C THR B 208 -19.86 -2.94 -8.41
N GLY B 209 -19.73 -2.37 -7.22
CA GLY B 209 -20.20 -1.02 -6.98
C GLY B 209 -19.30 -0.18 -6.12
N ILE B 210 -19.51 1.14 -6.25
CA ILE B 210 -18.79 2.21 -5.48
C ILE B 210 -19.85 2.88 -4.62
N VAL B 211 -19.50 3.23 -3.37
CA VAL B 211 -20.47 3.83 -2.42
C VAL B 211 -20.60 5.25 -2.99
N SER B 212 -21.70 5.53 -3.71
CA SER B 212 -21.90 6.91 -4.20
C SER B 212 -22.65 7.78 -3.18
N TRP B 213 -23.96 7.55 -2.99
CA TRP B 213 -24.71 8.42 -2.08
C TRP B 213 -26.03 7.80 -1.64
N GLY B 214 -26.98 8.66 -1.30
CA GLY B 214 -28.29 8.23 -0.86
C GLY B 214 -28.98 9.26 0.01
N ILE B 215 -29.98 8.82 0.77
CA ILE B 215 -30.67 9.67 1.73
C ILE B 215 -30.85 8.90 3.04
N GLY B 216 -30.42 9.49 4.14
CA GLY B 216 -30.46 8.82 5.42
C GLY B 216 -29.47 7.68 5.50
N CYS B 217 -29.17 7.22 6.71
CA CYS B 217 -28.19 6.16 6.86
C CYS B 217 -28.82 4.78 6.97
N SER B 218 -29.68 4.58 7.96
CA SER B 218 -30.28 3.27 8.16
C SER B 218 -31.72 3.20 7.67
N ARG B 219 -32.18 1.97 7.43
CA ARG B 219 -33.57 1.70 7.00
C ARG B 219 -33.92 2.43 5.71
N GLY B 220 -33.44 1.91 4.59
CA GLY B 220 -33.75 2.48 3.28
C GLY B 220 -32.94 1.92 2.12
N TYR B 221 -32.96 2.64 1.01
CA TYR B 221 -32.17 2.29 -0.17
C TYR B 221 -30.93 3.17 -0.30
N GLY B 222 -29.78 2.55 -0.59
CA GLY B 222 -28.55 3.29 -0.80
C GLY B 222 -28.16 3.30 -2.27
N PHE B 223 -27.51 4.36 -2.71
CA PHE B 223 -27.13 4.49 -4.13
C PHE B 223 -25.65 4.18 -4.35
N TYR B 224 -25.39 3.14 -5.14
CA TYR B 224 -24.02 2.65 -5.34
C TYR B 224 -23.66 2.77 -6.82
N THR B 225 -22.72 3.65 -7.14
CA THR B 225 -22.32 3.83 -8.54
C THR B 225 -21.76 2.52 -9.06
N LYS B 226 -22.53 1.88 -9.94
CA LYS B 226 -22.14 0.59 -10.49
C LYS B 226 -20.92 0.81 -11.37
N VAL B 227 -19.95 -0.08 -11.25
CA VAL B 227 -18.63 0.14 -11.83
C VAL B 227 -18.47 -0.51 -13.19
N LEU B 228 -19.34 -1.47 -13.49
CA LEU B 228 -19.16 -2.31 -14.67
C LEU B 228 -19.16 -1.49 -15.94
N ASN B 229 -19.93 -0.41 -15.96
CA ASN B 229 -19.97 0.49 -17.10
C ASN B 229 -18.66 1.27 -17.22
N TYR B 230 -17.89 1.29 -16.15
CA TYR B 230 -16.71 2.14 -16.06
C TYR B 230 -15.41 1.37 -16.18
N VAL B 231 -15.51 0.04 -16.10
CA VAL B 231 -14.34 -0.83 -16.10
C VAL B 231 -13.38 -0.52 -17.24
N ASP B 232 -13.91 -0.03 -18.36
CA ASP B 232 -13.07 0.44 -19.45
C ASP B 232 -12.18 1.60 -18.99
N TRP B 233 -12.75 2.54 -18.26
CA TRP B 233 -12.01 3.72 -17.84
C TRP B 233 -10.97 3.35 -16.80
N ILE B 234 -11.19 2.24 -16.12
CA ILE B 234 -10.29 1.79 -15.07
C ILE B 234 -9.04 1.13 -15.66
N LYS B 235 -9.24 0.19 -16.57
CA LYS B 235 -8.12 -0.50 -17.19
C LYS B 235 -7.23 0.48 -17.97
N LYS B 236 -7.84 1.51 -18.54
CA LYS B 236 -7.10 2.45 -19.36
C LYS B 236 -6.44 3.54 -18.52
N GLU B 237 -6.94 3.74 -17.31
CA GLU B 237 -6.33 4.72 -16.38
C GLU B 237 -5.30 4.06 -15.48
N MET B 238 -5.13 2.75 -15.65
CA MET B 238 -4.09 2.01 -14.95
C MET B 238 -2.86 1.84 -15.83
N GLU B 239 -2.83 2.55 -16.95
CA GLU B 239 -1.66 2.55 -17.81
C GLU B 239 -0.50 3.14 -17.01
N GLU B 240 0.28 2.25 -16.40
CA GLU B 240 1.39 2.67 -15.53
C GLU B 240 2.58 3.17 -16.34
N GLN C 10 14.40 5.60 42.58
CA GLN C 10 12.99 5.34 42.96
C GLN C 10 12.33 6.68 43.32
N SER C 11 13.04 7.53 44.04
CA SER C 11 12.50 8.86 44.43
C SER C 11 12.34 9.74 43.20
N TYR C 12 13.23 9.56 42.21
CA TYR C 12 13.18 10.36 40.95
C TYR C 12 12.12 9.77 40.01
N LEU C 13 11.69 8.54 40.30
CA LEU C 13 10.67 7.84 39.46
C LEU C 13 9.26 8.27 39.84
N GLU C 14 9.00 8.44 41.15
CA GLU C 14 7.66 8.88 41.63
C GLU C 14 7.43 10.31 41.14
N GLY C 15 8.42 10.85 40.42
CA GLY C 15 8.38 12.22 39.87
C GLY C 15 8.54 12.18 38.36
N VAL C 16 9.09 11.07 37.85
CA VAL C 16 9.30 10.87 36.39
C VAL C 16 8.21 9.91 35.89
N LYS C 17 8.04 8.78 36.58
CA LYS C 17 6.99 7.78 36.20
C LYS C 17 5.65 8.51 36.09
N TYR C 18 5.31 9.31 37.11
CA TYR C 18 4.08 10.10 37.11
C TYR C 18 4.00 10.95 35.84
N ASN C 19 4.94 11.90 35.70
CA ASN C 19 4.90 12.89 34.63
C ASN C 19 4.87 12.29 33.22
N VAL C 20 5.45 11.11 33.07
CA VAL C 20 5.38 10.40 31.82
C VAL C 20 3.98 9.82 31.65
N ASP C 21 3.45 9.24 32.72
CA ASP C 21 2.11 8.68 32.66
C ASP C 21 1.07 9.78 32.49
N SER C 22 1.40 10.98 32.93
CA SER C 22 0.47 12.10 32.79
C SER C 22 0.61 12.66 31.38
N ALA C 23 1.80 12.57 30.82
CA ALA C 23 2.03 13.00 29.45
C ALA C 23 1.26 12.09 28.49
N ILE C 24 1.26 10.79 28.79
CA ILE C 24 0.46 9.86 28.03
C ILE C 24 -1.02 10.24 28.20
N GLN C 25 -1.41 10.69 29.40
CA GLN C 25 -2.78 11.11 29.65
C GLN C 25 -3.17 12.27 28.73
N THR C 26 -2.24 13.19 28.51
CA THR C 26 -2.45 14.32 27.62
C THR C 26 -2.55 13.87 26.15
N ILE C 27 -1.84 12.79 25.82
CA ILE C 27 -1.79 12.31 24.44
C ILE C 27 -3.14 11.75 24.00
N THR C 28 -3.65 10.77 24.73
CA THR C 28 -4.92 10.13 24.40
C THR C 28 -6.06 11.15 24.47
N LYS C 29 -5.78 12.29 25.12
CA LYS C 29 -6.72 13.39 25.27
C LYS C 29 -6.73 14.24 24.00
N ILE C 30 -5.80 13.97 23.10
CA ILE C 30 -5.69 14.73 21.86
C ILE C 30 -6.25 13.93 20.68
N TYR C 31 -6.02 12.61 20.69
CA TYR C 31 -6.44 11.75 19.59
C TYR C 31 -7.94 11.47 19.64
N ASN C 32 -8.47 11.45 20.87
CA ASN C 32 -9.92 11.20 21.12
C ASN C 32 -10.69 12.45 20.71
N THR C 33 -10.07 13.62 20.86
CA THR C 33 -10.69 14.90 20.44
C THR C 33 -10.78 14.87 18.91
N TYR C 34 -9.73 14.34 18.27
CA TYR C 34 -9.69 14.20 16.79
C TYR C 34 -10.76 13.19 16.38
N THR C 35 -10.99 12.17 17.20
CA THR C 35 -12.02 11.18 16.88
C THR C 35 -13.41 11.79 16.75
N LEU C 36 -13.75 12.69 17.68
CA LEU C 36 -15.04 13.37 17.65
C LEU C 36 -15.05 14.49 16.63
N PHE C 37 -14.05 15.36 16.69
CA PHE C 37 -13.89 16.45 15.73
C PHE C 37 -13.86 15.94 14.29
N SER C 38 -13.11 14.87 14.05
CA SER C 38 -13.00 14.26 12.71
C SER C 38 -14.38 13.76 12.27
N THR C 39 -15.14 13.20 13.21
CA THR C 39 -16.48 12.70 12.95
C THR C 39 -17.47 13.83 12.72
N LYS C 40 -17.26 14.95 13.40
CA LYS C 40 -18.17 16.08 13.28
C LYS C 40 -17.98 16.72 11.90
N LEU C 41 -16.84 16.44 11.28
CA LEU C 41 -16.59 16.82 9.90
C LEU C 41 -16.90 15.67 8.96
N THR C 42 -16.91 14.44 9.47
CA THR C 42 -17.37 13.29 8.69
C THR C 42 -18.83 13.50 8.31
N GLN C 43 -19.61 13.98 9.27
CA GLN C 43 -21.01 14.26 9.04
C GLN C 43 -21.19 15.52 8.20
N MET C 44 -20.27 16.48 8.31
CA MET C 44 -20.39 17.71 7.52
C MET C 44 -20.25 17.44 6.04
N TYR C 45 -19.24 16.65 5.69
CA TYR C 45 -18.98 16.28 4.30
C TYR C 45 -19.64 14.94 4.00
N SER C 46 -20.94 14.95 3.78
CA SER C 46 -21.71 13.72 3.64
C SER C 46 -22.67 13.76 2.47
N THR C 47 -23.11 12.58 2.04
CA THR C 47 -24.06 12.46 0.89
C THR C 47 -25.45 12.10 1.41
N ARG C 48 -25.54 11.63 2.66
CA ARG C 48 -26.85 11.25 3.27
C ARG C 48 -27.45 12.47 3.99
N LEU C 49 -26.63 13.19 4.74
CA LEU C 49 -27.08 14.40 5.49
C LEU C 49 -27.10 15.61 4.55
N ASP C 50 -28.27 15.92 3.99
CA ASP C 50 -28.41 17.07 3.06
C ASP C 50 -28.16 18.37 3.84
N ASN C 51 -29.06 18.70 4.77
CA ASN C 51 -28.93 19.94 5.59
C ASN C 51 -29.68 19.74 6.92
N PHE C 52 -29.74 18.50 7.41
CA PHE C 52 -30.44 18.20 8.67
C PHE C 52 -29.40 18.23 9.79
N ALA C 53 -28.22 17.67 9.50
CA ALA C 53 -27.08 17.69 10.46
C ALA C 53 -26.03 18.70 10.00
N LYS C 54 -26.05 19.06 8.72
CA LYS C 54 -25.09 20.03 8.16
C LYS C 54 -25.14 21.32 8.99
N ALA C 55 -26.35 21.84 9.21
CA ALA C 55 -26.54 23.06 10.03
C ALA C 55 -26.04 22.79 11.45
N LYS C 56 -26.14 21.53 11.89
CA LYS C 56 -25.69 21.14 13.26
C LYS C 56 -24.15 21.11 13.28
N ALA C 57 -23.54 20.55 12.23
CA ALA C 57 -22.07 20.48 12.13
C ALA C 57 -21.52 21.86 11.73
N LYS C 58 -22.36 22.67 11.09
CA LYS C 58 -21.96 24.03 10.63
C LYS C 58 -21.50 24.85 11.84
N GLU C 59 -21.98 24.50 13.04
CA GLU C 59 -21.59 25.22 14.27
C GLU C 59 -20.93 24.27 15.28
N GLU C 60 -21.35 22.99 15.27
CA GLU C 60 -20.78 21.97 16.18
C GLU C 60 -19.29 21.73 15.94
N ALA C 61 -18.93 21.37 14.70
CA ALA C 61 -17.55 21.10 14.33
C ALA C 61 -16.76 22.40 14.36
N ALA C 62 -17.47 23.52 14.31
CA ALA C 62 -16.84 24.84 14.39
C ALA C 62 -16.46 25.17 15.84
N LYS C 63 -16.86 24.30 16.77
CA LYS C 63 -16.57 24.50 18.18
C LYS C 63 -15.08 24.34 18.48
N PHE C 64 -14.40 23.62 17.60
CA PHE C 64 -13.01 23.25 17.80
C PHE C 64 -12.03 24.30 17.28
N THR C 65 -11.26 24.90 18.17
CA THR C 65 -10.30 25.94 17.81
C THR C 65 -8.87 25.43 17.86
N LYS C 66 -7.93 26.32 17.52
CA LYS C 66 -6.51 25.99 17.59
C LYS C 66 -5.93 26.33 18.96
N GLU C 67 -6.36 27.46 19.52
CA GLU C 67 -5.94 27.88 20.86
C GLU C 67 -6.15 26.76 21.86
N ASP C 68 -7.20 25.97 21.66
CA ASP C 68 -7.46 24.79 22.46
C ASP C 68 -6.38 23.75 22.27
N LEU C 69 -6.20 23.30 21.03
CA LEU C 69 -5.22 22.29 20.69
C LEU C 69 -3.78 22.77 20.96
N GLU C 70 -3.49 24.02 20.57
CA GLU C 70 -2.16 24.59 20.81
C GLU C 70 -1.79 24.56 22.29
N LYS C 71 -2.73 24.97 23.13
CA LYS C 71 -2.57 24.90 24.58
C LYS C 71 -2.44 23.44 25.00
N ASN C 72 -3.08 22.56 24.25
CA ASN C 72 -3.02 21.09 24.52
C ASN C 72 -1.58 20.59 24.28
N PHE C 73 -0.74 21.47 23.74
CA PHE C 73 0.67 21.06 23.48
C PHE C 73 1.57 21.66 24.56
N LYS C 74 1.35 22.93 24.92
CA LYS C 74 2.15 23.59 26.00
C LYS C 74 2.12 22.67 27.22
N THR C 75 1.16 21.73 27.22
CA THR C 75 1.00 20.77 28.35
C THR C 75 1.88 19.54 28.13
N LEU C 76 1.65 18.81 27.02
CA LEU C 76 2.43 17.59 26.69
C LEU C 76 3.93 17.89 26.79
N LEU C 77 4.43 18.81 25.96
CA LEU C 77 5.87 19.18 25.96
C LEU C 77 6.32 19.51 27.39
N ASN C 78 5.65 20.45 28.04
CA ASN C 78 6.00 20.87 29.42
C ASN C 78 6.10 19.64 30.33
N TYR C 79 5.09 18.77 30.31
CA TYR C 79 5.08 17.54 31.15
C TYR C 79 6.24 16.61 30.76
N ILE C 80 6.56 16.54 29.46
CA ILE C 80 7.66 15.66 28.96
C ILE C 80 9.00 16.38 29.11
N GLN C 81 8.98 17.69 29.38
CA GLN C 81 10.23 18.49 29.55
C GLN C 81 10.65 18.48 31.01
N VAL C 82 9.72 18.16 31.93
CA VAL C 82 10.04 18.14 33.35
C VAL C 82 10.44 16.75 33.81
N SER C 83 10.07 15.73 33.04
CA SER C 83 10.49 14.38 33.38
C SER C 83 11.95 14.19 32.99
N VAL C 84 12.32 14.79 31.86
CA VAL C 84 13.68 14.73 31.36
C VAL C 84 14.60 15.53 32.28
N LYS C 85 14.10 16.63 32.83
CA LYS C 85 14.89 17.49 33.70
C LYS C 85 14.98 16.89 35.11
N THR C 86 13.98 16.10 35.48
CA THR C 86 13.94 15.48 36.80
C THR C 86 14.79 14.20 36.82
N ALA C 87 14.71 13.43 35.74
CA ALA C 87 15.42 12.15 35.67
C ALA C 87 16.82 12.28 35.05
N ALA C 88 17.48 13.41 35.34
CA ALA C 88 18.86 13.66 34.86
C ALA C 88 19.86 13.05 35.84
N ASN C 89 19.36 12.48 36.95
CA ASN C 89 20.22 11.86 37.98
C ASN C 89 20.65 10.46 37.53
N PHE C 90 19.81 9.80 36.72
CA PHE C 90 20.13 8.45 36.20
C PHE C 90 21.53 8.46 35.56
N VAL C 91 22.42 7.58 36.02
CA VAL C 91 23.82 7.56 35.49
C VAL C 91 24.15 6.15 34.98
N TYR C 92 23.33 5.15 35.28
CA TYR C 92 23.64 3.79 34.82
C TYR C 92 22.99 3.49 33.46
N ILE C 93 23.09 2.25 33.00
CA ILE C 93 22.76 1.93 31.61
C ILE C 93 21.24 1.84 31.36
N ASN C 94 20.48 1.27 32.31
CA ASN C 94 19.03 1.06 32.10
C ASN C 94 18.21 2.32 32.41
N ASP C 95 18.87 3.48 32.53
CA ASP C 95 18.16 4.75 32.84
C ASP C 95 18.72 5.86 31.94
N THR C 96 19.99 5.74 31.57
CA THR C 96 20.65 6.74 30.72
C THR C 96 20.32 6.40 29.26
N HIS C 97 19.99 5.14 29.02
CA HIS C 97 19.41 4.72 27.75
C HIS C 97 17.99 5.27 27.64
N ALA C 98 17.32 5.41 28.79
CA ALA C 98 15.92 5.92 28.80
C ALA C 98 15.90 7.47 28.71
N LYS C 99 16.74 8.13 29.52
CA LYS C 99 16.86 9.62 29.62
C LYS C 99 16.70 10.29 28.25
N ARG C 100 17.48 9.87 27.27
CA ARG C 100 17.40 10.36 25.90
C ARG C 100 16.11 10.00 25.15
N LYS C 101 15.51 8.86 25.47
CA LYS C 101 14.21 8.50 24.90
C LYS C 101 13.17 9.48 25.39
N LEU C 102 13.43 10.07 26.56
CA LEU C 102 12.57 11.12 27.10
C LEU C 102 13.02 12.48 26.57
N GLU C 103 14.07 12.47 25.76
CA GLU C 103 14.63 13.70 25.21
C GLU C 103 14.31 13.84 23.72
N ASN C 104 14.49 12.76 22.96
CA ASN C 104 14.15 12.77 21.53
C ASN C 104 12.66 13.05 21.36
N ILE C 105 11.87 12.65 22.36
CA ILE C 105 10.44 12.97 22.40
C ILE C 105 10.26 14.47 22.56
N GLU C 106 11.09 15.09 23.39
CA GLU C 106 11.09 16.55 23.52
C GLU C 106 11.63 17.17 22.23
N ALA C 107 12.33 16.37 21.43
CA ALA C 107 12.79 16.80 20.11
C ALA C 107 11.78 16.40 19.04
N GLU C 108 10.83 15.55 19.41
CA GLU C 108 9.76 15.15 18.52
C GLU C 108 8.49 15.94 18.83
N ILE C 109 8.48 16.58 19.99
CA ILE C 109 7.36 17.42 20.41
C ILE C 109 7.55 18.82 19.88
N LYS C 110 8.76 19.33 20.05
CA LYS C 110 9.07 20.69 19.62
C LYS C 110 9.19 20.75 18.09
N THR C 111 9.09 19.59 17.45
CA THR C 111 8.96 19.53 15.99
C THR C 111 7.47 19.54 15.60
N LEU C 112 6.66 18.82 16.37
CA LEU C 112 5.22 18.77 16.13
C LEU C 112 4.54 20.12 16.34
N ILE C 113 4.92 20.83 17.41
CA ILE C 113 4.37 22.15 17.70
C ILE C 113 4.65 23.09 16.52
N ALA C 114 5.80 22.88 15.89
CA ALA C 114 6.19 23.68 14.72
C ALA C 114 5.31 23.41 13.50
N LYS C 115 4.88 22.17 13.32
CA LYS C 115 4.00 21.80 12.21
C LYS C 115 2.63 22.47 12.34
N ILE C 116 2.18 22.66 13.57
CA ILE C 116 0.92 23.34 13.85
C ILE C 116 0.99 24.80 13.43
N LYS C 117 2.19 25.37 13.53
CA LYS C 117 2.37 26.82 13.40
C LYS C 117 2.35 27.29 11.94
N GLU C 118 2.42 26.34 11.02
CA GLU C 118 2.37 26.66 9.59
C GLU C 118 1.04 26.25 8.97
N GLN C 119 0.34 25.33 9.62
CA GLN C 119 -0.97 24.89 9.12
C GLN C 119 -1.98 26.01 9.32
N SER C 120 -2.88 26.17 8.35
CA SER C 120 -3.89 27.23 8.41
C SER C 120 -5.29 26.69 8.70
N ASN C 121 -5.50 25.40 8.46
CA ASN C 121 -6.77 24.74 8.77
C ASN C 121 -6.58 23.74 9.90
N LEU C 122 -7.58 23.64 10.77
CA LEU C 122 -7.51 22.83 11.98
C LEU C 122 -7.38 21.34 11.66
N TYR C 123 -8.15 20.89 10.67
CA TYR C 123 -8.14 19.50 10.27
C TYR C 123 -6.87 19.14 9.48
N GLU C 124 -6.19 20.16 8.97
CA GLU C 124 -4.92 19.92 8.29
C GLU C 124 -3.83 19.80 9.34
N ALA C 125 -4.02 20.49 10.47
CA ALA C 125 -3.04 20.46 11.58
C ALA C 125 -3.36 19.31 12.54
N TYR C 126 -4.61 18.82 12.51
CA TYR C 126 -5.03 17.70 13.39
C TYR C 126 -4.72 16.36 12.70
N LYS C 127 -3.72 16.37 11.81
CA LYS C 127 -3.31 15.15 11.07
C LYS C 127 -1.78 15.05 11.03
N ALA C 128 -1.09 16.14 10.70
CA ALA C 128 0.39 16.17 10.63
C ALA C 128 0.96 15.58 11.92
N ILE C 129 0.11 15.40 12.93
CA ILE C 129 0.48 14.85 14.24
C ILE C 129 -0.20 13.51 14.49
N VAL C 130 -1.22 13.21 13.68
CA VAL C 130 -2.08 12.06 13.95
C VAL C 130 -1.32 10.75 13.78
N THR C 131 -0.26 10.77 12.97
CA THR C 131 0.60 9.60 12.80
C THR C 131 1.72 9.66 13.81
N SER C 132 1.99 10.86 14.32
CA SER C 132 3.06 11.07 15.28
C SER C 132 2.68 10.64 16.69
N ILE C 133 1.75 11.37 17.30
CA ILE C 133 1.42 11.18 18.70
C ILE C 133 0.72 9.86 18.99
N LEU C 134 0.59 9.01 17.98
CA LEU C 134 0.13 7.64 18.22
C LEU C 134 1.33 6.78 18.52
N LEU C 135 2.41 7.00 17.78
CA LEU C 135 3.64 6.25 17.99
C LEU C 135 4.44 6.82 19.15
N MET C 136 4.33 8.14 19.35
CA MET C 136 4.99 8.81 20.46
C MET C 136 4.48 8.25 21.79
N ARG C 137 3.18 8.04 21.85
CA ARG C 137 2.55 7.45 23.03
C ARG C 137 2.95 5.97 23.14
N ASP C 138 3.18 5.33 21.99
CA ASP C 138 3.62 3.95 21.95
C ASP C 138 5.11 3.82 22.29
N SER C 139 5.81 4.95 22.30
CA SER C 139 7.21 5.00 22.70
C SER C 139 7.31 5.12 24.21
N LEU C 140 6.34 5.79 24.80
CA LEU C 140 6.30 5.93 26.26
C LEU C 140 5.66 4.71 26.92
N LYS C 141 5.60 3.60 26.18
CA LYS C 141 5.00 2.34 26.68
C LYS C 141 6.13 1.44 27.23
N GLU C 142 7.36 1.64 26.74
CA GLU C 142 8.53 0.83 27.18
C GLU C 142 9.20 1.36 28.46
N VAL C 143 8.95 2.64 28.79
CA VAL C 143 9.55 3.27 30.00
C VAL C 143 8.81 2.75 31.24
N GLN C 144 7.82 1.87 31.05
CA GLN C 144 7.04 1.31 32.16
C GLN C 144 7.68 0.00 32.65
N GLY C 145 8.08 -0.86 31.71
CA GLY C 145 8.72 -2.15 32.03
C GLY C 145 9.88 -1.98 33.00
N ILE C 146 10.93 -1.27 32.57
CA ILE C 146 12.14 -1.05 33.42
C ILE C 146 11.69 -0.41 34.75
N ILE C 147 10.85 0.63 34.67
CA ILE C 147 10.35 1.33 35.89
C ILE C 147 9.70 0.30 36.82
C1 NAG D . -21.57 -14.46 -17.80
C2 NAG D . -21.27 -15.78 -17.13
C3 NAG D . -21.24 -16.93 -18.14
C4 NAG D . -22.48 -16.89 -19.03
C5 NAG D . -22.72 -15.49 -19.59
C6 NAG D . -23.99 -15.44 -20.41
C7 NAG D . -19.92 -15.59 -15.11
C8 NAG D . -19.20 -14.38 -14.61
N2 NAG D . -19.99 -15.71 -16.44
O3 NAG D . -21.18 -18.18 -17.46
O4 NAG D . -22.33 -17.82 -20.11
O5 NAG D . -22.80 -14.56 -18.51
O6 NAG D . -25.11 -15.76 -19.58
O7 NAG D . -20.42 -16.42 -14.37
#